data_6T2N
#
_entry.id   6T2N
#
_cell.length_a   87.465
_cell.length_b   96.128
_cell.length_c   128.756
_cell.angle_alpha   90.000
_cell.angle_beta   90.000
_cell.angle_gamma   90.000
#
_symmetry.space_group_name_H-M   'P 21 21 21'
#
loop_
_entity.id
_entity.type
_entity.pdbx_description
1 polymer 'Glycoside hydrolase family 16 protein'
2 non-polymer 'CALCIUM ION'
#
_entity_poly.entity_id   1
_entity_poly.type   'polypeptide(L)'
_entity_poly.pdbx_seq_one_letter_code
;MGSSHHHHHHSSGLVPRGSHMKSLFAVLLTACLCMSVKGEDSKPPRTLPGGWVYVWGDEFNGSRIDAKKWKPELGVIRNQ
GSQQTYTGRPKNMRLEDGCLVLETHFEKFANVNYKKSSADWIKNTKFMPYTSGSVTTIKTKNFMFGRLEVRAKVPKTKGI
WPAIWLLGKNKWGWPVNGEIDMLENISQQPDVVYSTFHLSPDGVSTRDASRGGTVKIENLSDDFHTYVMEWDKDSIKLMV
DDKLVKSIDLNTTNYANGAGNPFRTPFYLILNSAVGGTWCEKAPKDGQGYPVKFLIDYVRFYQTKEHAQQAKQFDPETGL
PKKK
;
_entity_poly.pdbx_strand_id   AAA,BBB
#
loop_
_chem_comp.id
_chem_comp.type
_chem_comp.name
_chem_comp.formula
CA non-polymer 'CALCIUM ION' 'Ca 2'
#
# COMPACT_ATOMS: atom_id res chain seq x y z
N PRO A 44 33.10 15.25 10.80
CA PRO A 44 32.16 15.69 9.69
C PRO A 44 32.93 16.34 8.53
N PRO A 45 33.33 15.58 7.49
CA PRO A 45 34.27 16.09 6.49
C PRO A 45 33.66 17.28 5.74
N ARG A 46 34.46 18.28 5.37
CA ARG A 46 33.95 19.52 4.73
C ARG A 46 34.09 19.44 3.20
N THR A 47 34.57 18.32 2.61
CA THR A 47 35.13 18.33 1.22
C THR A 47 34.53 17.25 0.31
N LEU A 48 34.94 15.98 0.49
CA LEU A 48 34.70 14.87 -0.49
C LEU A 48 35.40 15.19 -1.83
N PRO A 49 36.12 14.21 -2.44
CA PRO A 49 36.61 14.39 -3.79
C PRO A 49 35.43 14.56 -4.75
N GLY A 50 35.63 15.39 -5.79
CA GLY A 50 34.57 15.91 -6.68
C GLY A 50 34.33 17.39 -6.42
N GLY A 51 35.12 18.05 -5.55
CA GLY A 51 34.88 19.44 -5.11
C GLY A 51 33.46 19.65 -4.58
N TRP A 52 32.89 18.62 -3.92
CA TRP A 52 31.75 18.75 -2.99
C TRP A 52 32.14 19.66 -1.84
N VAL A 53 31.18 20.20 -1.10
CA VAL A 53 31.49 20.94 0.16
C VAL A 53 30.23 20.92 1.02
N TYR A 54 30.42 20.55 2.32
CA TYR A 54 29.40 20.51 3.39
C TYR A 54 28.63 21.81 3.35
N VAL A 55 27.32 21.72 3.44
CA VAL A 55 26.39 22.89 3.39
C VAL A 55 25.44 22.82 4.60
N TRP A 56 25.09 21.63 5.09
CA TRP A 56 24.10 21.44 6.18
C TRP A 56 24.11 20.00 6.66
N GLY A 57 23.83 19.82 7.95
CA GLY A 57 23.68 18.48 8.55
C GLY A 57 23.77 18.46 10.08
N ASP A 58 24.06 17.28 10.58
CA ASP A 58 23.81 16.94 12.01
C ASP A 58 24.49 15.59 12.24
N GLU A 59 25.40 15.59 13.20
CA GLU A 59 26.08 14.37 13.63
C GLU A 59 25.38 13.92 14.90
N PHE A 60 24.46 14.74 15.42
CA PHE A 60 23.61 14.43 16.60
C PHE A 60 24.50 14.11 17.78
N ASN A 61 25.36 15.05 18.12
CA ASN A 61 26.28 14.93 19.29
C ASN A 61 25.79 15.83 20.40
N GLY A 62 24.74 16.61 20.15
CA GLY A 62 24.24 17.60 21.12
C GLY A 62 23.76 16.93 22.40
N SER A 63 23.63 17.77 23.43
CA SER A 63 22.76 17.56 24.62
C SER A 63 21.29 17.25 24.19
N ARG A 64 20.77 17.79 23.08
CA ARG A 64 19.37 17.51 22.68
C ARG A 64 19.13 17.83 21.19
N ILE A 65 18.13 17.19 20.60
CA ILE A 65 17.68 17.45 19.21
C ILE A 65 17.62 18.96 19.01
N ASP A 66 18.14 19.42 17.87
CA ASP A 66 18.37 20.87 17.59
C ASP A 66 17.12 21.41 16.84
N ALA A 67 16.33 22.26 17.49
CA ALA A 67 14.95 22.63 17.07
C ALA A 67 14.96 23.56 15.85
N LYS A 68 16.13 24.13 15.56
CA LYS A 68 16.37 24.99 14.38
C LYS A 68 16.76 24.06 13.23
N LYS A 69 16.95 22.75 13.47
CA LYS A 69 17.22 21.76 12.39
C LYS A 69 16.11 20.69 12.18
N TRP A 70 15.43 20.27 13.25
CA TRP A 70 14.39 19.22 13.19
C TRP A 70 13.17 19.65 13.99
N LYS A 71 11.99 19.23 13.56
CA LYS A 71 10.74 19.40 14.33
C LYS A 71 10.05 18.07 14.33
N PRO A 72 9.36 17.75 15.45
CA PRO A 72 8.63 16.50 15.56
C PRO A 72 7.37 16.65 14.71
N GLU A 73 6.99 15.62 14.00
CA GLU A 73 5.61 15.55 13.49
C GLU A 73 4.80 15.14 14.71
N LEU A 74 3.55 15.60 14.82
CA LEU A 74 2.67 15.35 15.97
C LEU A 74 1.32 14.76 15.54
N GLY A 75 1.04 13.55 16.00
CA GLY A 75 -0.30 12.94 15.87
C GLY A 75 -0.35 11.96 14.73
N VAL A 76 -1.55 11.57 14.34
CA VAL A 76 -1.72 10.67 13.18
C VAL A 76 -1.65 11.52 11.92
N ILE A 77 -0.69 11.25 11.05
CA ILE A 77 -0.47 12.06 9.83
C ILE A 77 -0.93 11.32 8.56
N ARG A 78 -0.45 10.10 8.32
CA ARG A 78 -0.57 9.36 7.03
C ARG A 78 -1.04 7.92 7.16
N ASN A 79 -1.65 7.41 6.11
CA ASN A 79 -1.76 5.94 5.86
C ASN A 79 -2.84 5.38 6.80
N GLN A 80 -4.03 5.25 6.23
CA GLN A 80 -5.22 4.77 6.95
C GLN A 80 -5.03 3.35 7.55
N GLY A 81 -3.95 2.66 7.20
CA GLY A 81 -3.61 1.31 7.69
C GLY A 81 -2.59 1.33 8.82
N SER A 82 -1.94 2.47 9.07
CA SER A 82 -0.94 2.66 10.14
C SER A 82 -1.54 2.44 11.51
N GLN A 83 -0.71 2.12 12.49
CA GLN A 83 -1.14 1.73 13.86
C GLN A 83 -0.55 2.69 14.89
N GLN A 84 0.26 3.67 14.48
CA GLN A 84 0.99 4.55 15.43
C GLN A 84 0.48 5.99 15.36
N THR A 85 0.66 6.73 16.49
CA THR A 85 0.58 8.21 16.63
C THR A 85 1.98 8.74 16.98
N TYR A 86 2.30 9.95 16.56
CA TYR A 86 3.68 10.50 16.53
C TYR A 86 3.87 11.52 17.67
N THR A 87 4.95 11.48 18.45
CA THR A 87 5.10 12.43 19.59
C THR A 87 6.51 12.99 19.72
N GLY A 88 6.63 14.18 20.30
CA GLY A 88 7.90 14.93 20.37
C GLY A 88 8.64 14.59 21.66
N ARG A 89 7.99 13.75 22.48
CA ARG A 89 8.37 13.19 23.80
C ARG A 89 9.67 12.41 23.67
N PRO A 90 10.64 12.49 24.61
CA PRO A 90 11.94 11.87 24.29
C PRO A 90 11.67 10.29 24.16
N LYS A 91 10.64 9.82 24.63
CA LYS A 91 10.22 8.36 24.77
C LYS A 91 10.39 7.80 23.38
N ASN A 92 9.91 8.62 22.42
CA ASN A 92 9.90 8.41 20.93
C ASN A 92 11.08 9.11 20.21
N MET A 93 11.71 10.17 20.78
CA MET A 93 12.66 11.09 20.08
C MET A 93 13.78 11.57 21.01
N ARG A 94 15.03 11.24 20.74
CA ARG A 94 16.15 11.68 21.63
C ARG A 94 17.50 11.27 21.04
N LEU A 95 18.59 11.89 21.53
CA LEU A 95 19.97 11.56 21.12
C LEU A 95 20.51 10.62 22.16
N GLU A 96 20.86 9.40 21.75
CA GLU A 96 21.61 8.38 22.52
C GLU A 96 22.82 8.05 21.65
N ASP A 97 23.96 7.77 22.29
CA ASP A 97 25.24 7.38 21.66
C ASP A 97 25.43 8.12 20.34
N GLY A 98 25.15 9.44 20.29
CA GLY A 98 25.46 10.26 19.11
C GLY A 98 24.74 9.75 17.85
N CYS A 99 23.55 9.21 18.02
CA CYS A 99 22.53 9.15 16.97
C CYS A 99 21.26 9.82 17.49
N LEU A 100 20.47 10.35 16.55
CA LEU A 100 19.00 10.48 16.70
C LEU A 100 18.40 9.09 16.85
N VAL A 101 17.57 8.96 17.88
CA VAL A 101 16.84 7.72 18.24
C VAL A 101 15.35 8.00 18.01
N LEU A 102 14.71 7.28 17.08
CA LEU A 102 13.25 7.29 16.93
C LEU A 102 12.75 5.94 17.40
N GLU A 103 12.02 5.95 18.52
CA GLU A 103 11.76 4.74 19.33
C GLU A 103 10.23 4.48 19.59
N THR A 104 9.85 3.27 19.10
CA THR A 104 8.46 2.89 18.75
C THR A 104 8.04 1.98 19.88
N HIS A 105 6.96 2.37 20.54
CA HIS A 105 6.47 1.75 21.79
C HIS A 105 5.03 1.33 21.55
N PHE A 106 4.72 0.06 21.78
CA PHE A 106 3.33 -0.41 21.96
C PHE A 106 2.76 0.32 23.18
N GLU A 107 1.87 1.29 23.00
CA GLU A 107 1.41 2.19 24.09
C GLU A 107 0.20 3.01 23.57
N LYS A 108 -0.98 2.73 24.11
CA LYS A 108 -2.21 3.43 23.67
C LYS A 108 -2.08 4.88 24.04
N PHE A 109 -2.33 5.78 23.11
CA PHE A 109 -1.99 7.22 23.26
C PHE A 109 -2.89 8.04 22.36
N ALA A 110 -3.40 9.16 22.88
CA ALA A 110 -4.43 9.97 22.21
C ALA A 110 -3.81 10.65 20.97
N ASN A 111 -4.56 10.68 19.87
CA ASN A 111 -4.19 11.30 18.58
C ASN A 111 -4.43 12.83 18.67
N VAL A 112 -3.39 13.65 18.85
CA VAL A 112 -3.52 15.13 18.99
C VAL A 112 -4.38 15.70 17.85
N ASN A 113 -4.58 14.97 16.75
CA ASN A 113 -5.42 15.41 15.60
C ASN A 113 -6.83 14.77 15.73
N TYR A 114 -7.18 14.24 16.90
CA TYR A 114 -8.40 13.41 17.07
C TYR A 114 -9.59 14.13 16.40
N LYS A 115 -9.81 15.45 16.51
CA LYS A 115 -10.94 16.10 15.72
C LYS A 115 -10.46 17.35 14.99
N LYS A 116 -9.21 17.34 14.57
CA LYS A 116 -8.53 18.43 13.80
C LYS A 116 -7.77 17.79 12.64
N SER A 117 -7.94 18.33 11.44
CA SER A 117 -7.45 17.79 10.13
C SER A 117 -8.69 17.30 9.40
N SER A 118 -8.54 17.37 8.08
CA SER A 118 -9.58 17.24 7.03
C SER A 118 -9.67 15.80 6.49
N ALA A 119 -8.97 14.82 7.10
CA ALA A 119 -9.05 13.37 6.77
C ALA A 119 -9.90 12.63 7.81
N ASP A 120 -11.05 12.07 7.42
CA ASP A 120 -12.07 11.53 8.36
C ASP A 120 -11.43 10.48 9.27
N TRP A 121 -10.50 9.67 8.78
CA TRP A 121 -10.04 8.48 9.55
C TRP A 121 -9.08 8.97 10.63
N ILE A 122 -8.38 10.07 10.39
CA ILE A 122 -7.57 10.80 11.41
C ILE A 122 -8.51 11.50 12.40
N LYS A 123 -9.35 12.38 11.88
CA LYS A 123 -10.42 13.14 12.56
C LYS A 123 -11.30 12.24 13.46
N ASN A 124 -11.45 10.92 13.22
CA ASN A 124 -12.41 10.06 13.98
C ASN A 124 -11.68 8.96 14.76
N THR A 125 -10.34 8.99 14.81
CA THR A 125 -9.52 7.94 15.51
C THR A 125 -9.06 8.54 16.82
N LYS A 126 -9.72 8.24 17.95
CA LYS A 126 -9.39 8.95 19.21
C LYS A 126 -7.95 8.60 19.59
N PHE A 127 -7.70 7.30 19.74
CA PHE A 127 -6.44 6.72 20.26
C PHE A 127 -5.78 5.87 19.18
N MET A 128 -4.46 5.72 19.24
CA MET A 128 -3.70 4.71 18.47
C MET A 128 -3.06 3.78 19.47
N PRO A 129 -2.89 2.46 19.23
CA PRO A 129 -1.95 1.66 20.02
C PRO A 129 -0.64 2.26 19.51
N TYR A 130 0.55 1.93 19.99
CA TYR A 130 1.81 2.38 19.21
C TYR A 130 2.03 3.90 18.95
N THR A 131 3.09 4.39 19.68
CA THR A 131 3.68 5.74 19.59
C THR A 131 4.98 5.53 18.85
N SER A 132 5.42 6.52 18.11
CA SER A 132 6.78 6.47 17.52
C SER A 132 7.21 7.91 17.32
N GLY A 133 8.35 8.11 16.65
CA GLY A 133 8.87 9.46 16.29
C GLY A 133 9.03 9.72 14.78
N SER A 134 8.87 10.97 14.41
CA SER A 134 9.05 11.50 13.05
C SER A 134 9.56 12.92 13.21
N VAL A 135 10.66 13.22 12.52
CA VAL A 135 11.22 14.61 12.40
C VAL A 135 11.11 15.06 10.95
N THR A 136 10.91 16.34 10.75
CA THR A 136 10.71 16.93 9.40
C THR A 136 11.52 18.22 9.34
N THR A 137 12.10 18.49 8.19
CA THR A 137 12.81 19.77 7.97
C THR A 137 11.84 20.77 7.36
N ILE A 138 10.55 20.42 7.25
CA ILE A 138 9.59 21.19 6.39
C ILE A 138 9.86 22.66 6.65
N LYS A 139 10.09 23.00 7.91
CA LYS A 139 10.15 24.40 8.41
C LYS A 139 11.58 24.82 8.74
N THR A 140 12.57 23.98 8.51
CA THR A 140 13.94 24.29 8.99
C THR A 140 14.89 24.39 7.80
N LYS A 141 14.83 23.43 6.86
CA LYS A 141 15.73 23.38 5.69
C LYS A 141 15.09 22.67 4.48
N ASN A 142 15.09 23.37 3.34
CA ASN A 142 14.79 22.81 1.99
C ASN A 142 16.09 22.50 1.27
N PHE A 143 16.13 21.43 0.50
CA PHE A 143 17.32 21.01 -0.28
C PHE A 143 16.97 21.18 -1.75
N MET A 144 17.90 21.71 -2.56
CA MET A 144 17.71 21.75 -4.06
C MET A 144 19.03 21.52 -4.80
N PHE A 145 19.22 20.29 -5.20
CA PHE A 145 20.46 19.78 -5.84
C PHE A 145 21.49 19.59 -4.71
N GLY A 146 22.01 18.39 -4.71
CA GLY A 146 23.32 18.14 -4.10
C GLY A 146 23.36 16.71 -3.75
N ARG A 147 24.24 16.36 -2.84
CA ARG A 147 24.41 14.98 -2.37
C ARG A 147 24.02 14.99 -0.90
N LEU A 148 23.10 14.11 -0.56
CA LEU A 148 22.51 13.98 0.78
C LEU A 148 22.80 12.59 1.29
N GLU A 149 23.60 12.55 2.38
CA GLU A 149 24.15 11.31 2.96
C GLU A 149 23.41 11.10 4.27
N VAL A 150 22.80 9.92 4.45
CA VAL A 150 22.10 9.59 5.71
C VAL A 150 22.54 8.19 6.12
N ARG A 151 23.21 8.14 7.27
CA ARG A 151 23.73 6.87 7.85
C ARG A 151 22.83 6.43 9.00
N ALA A 152 22.32 5.18 8.93
CA ALA A 152 21.23 4.68 9.81
C ALA A 152 21.23 3.14 9.96
N LYS A 153 21.01 2.70 11.20
CA LYS A 153 20.68 1.30 11.53
C LYS A 153 19.17 1.19 11.68
N VAL A 154 18.55 0.14 11.14
CA VAL A 154 17.06 0.04 11.11
C VAL A 154 16.65 -1.03 12.10
N PRO A 155 15.46 -0.84 12.71
CA PRO A 155 14.92 -1.79 13.67
C PRO A 155 14.55 -3.02 12.87
N LYS A 156 14.25 -4.14 13.52
CA LYS A 156 13.69 -5.33 12.84
C LYS A 156 12.72 -6.01 13.82
N THR A 157 11.43 -5.94 13.50
CA THR A 157 10.27 -6.56 14.18
C THR A 157 9.06 -6.48 13.23
N LYS A 158 8.02 -7.24 13.51
CA LYS A 158 6.73 -7.26 12.74
C LYS A 158 6.11 -5.86 12.78
N GLY A 159 5.97 -5.25 11.62
CA GLY A 159 5.08 -4.10 11.37
C GLY A 159 5.84 -2.78 11.34
N ILE A 160 7.11 -2.79 11.78
CA ILE A 160 7.95 -1.56 11.75
C ILE A 160 8.18 -1.13 10.28
N TRP A 161 8.19 0.18 10.07
CA TRP A 161 8.36 0.81 8.75
C TRP A 161 9.25 2.03 8.91
N PRO A 162 10.57 1.81 8.90
CA PRO A 162 11.52 2.92 8.94
C PRO A 162 11.57 3.48 7.53
N ALA A 163 11.79 4.78 7.44
CA ALA A 163 11.81 5.52 6.17
C ALA A 163 12.72 6.73 6.31
N ILE A 164 13.57 6.95 5.30
CA ILE A 164 14.24 8.23 4.98
C ILE A 164 13.63 8.73 3.69
N TRP A 165 12.98 9.89 3.70
CA TRP A 165 12.30 10.38 2.49
C TRP A 165 12.05 11.89 2.50
N LEU A 166 11.90 12.44 1.30
CA LEU A 166 11.73 13.89 0.99
C LEU A 166 10.49 14.10 0.11
N LEU A 167 9.77 15.17 0.39
CA LEU A 167 8.57 15.69 -0.31
C LEU A 167 8.91 17.07 -0.87
N GLY A 168 8.48 17.36 -2.11
CA GLY A 168 8.77 18.61 -2.89
C GLY A 168 7.73 19.71 -2.49
N LYS A 169 8.28 20.91 -2.20
CA LYS A 169 7.45 22.07 -1.77
C LYS A 169 7.43 22.96 -3.00
N ASN A 170 6.22 23.18 -3.52
CA ASN A 170 5.92 23.78 -4.85
C ASN A 170 4.39 23.91 -4.94
N LYS A 171 3.86 24.44 -6.02
CA LYS A 171 2.40 24.75 -6.12
C LYS A 171 1.55 23.48 -6.19
N TRP A 172 2.17 22.28 -6.15
CA TRP A 172 1.44 21.00 -6.33
C TRP A 172 1.21 20.37 -4.97
N GLY A 173 0.15 19.56 -4.86
CA GLY A 173 -0.15 18.68 -3.71
C GLY A 173 0.11 17.25 -4.12
N TRP A 174 0.14 16.31 -3.15
CA TRP A 174 0.64 14.94 -3.39
C TRP A 174 -0.23 14.21 -4.39
N PRO A 175 0.28 13.42 -5.35
CA PRO A 175 1.70 13.11 -5.53
C PRO A 175 2.47 13.98 -6.55
N VAL A 176 1.79 15.02 -7.04
CA VAL A 176 2.25 15.82 -8.18
C VAL A 176 3.44 16.64 -7.67
N ASN A 177 3.51 16.93 -6.38
CA ASN A 177 4.61 17.77 -5.83
C ASN A 177 5.96 17.05 -6.12
N GLY A 178 5.93 15.71 -6.01
CA GLY A 178 7.14 14.85 -5.89
C GLY A 178 7.44 14.23 -4.50
N GLU A 179 8.04 13.06 -4.53
CA GLU A 179 8.45 12.29 -3.35
C GLU A 179 9.65 11.41 -3.72
N ILE A 180 10.73 11.55 -2.95
CA ILE A 180 12.01 10.79 -3.07
C ILE A 180 12.19 9.99 -1.78
N ASP A 181 11.99 8.68 -1.88
CA ASP A 181 12.11 7.66 -0.82
C ASP A 181 13.52 7.05 -0.86
N MET A 182 14.48 7.61 -0.10
CA MET A 182 15.86 7.05 -0.11
C MET A 182 15.81 5.63 0.51
N LEU A 183 15.05 5.48 1.61
CA LEU A 183 14.84 4.17 2.27
C LEU A 183 13.38 3.97 2.67
N GLU A 184 12.87 2.79 2.33
CA GLU A 184 11.69 2.17 2.97
C GLU A 184 11.97 0.68 3.10
N ASN A 185 11.62 0.11 4.25
CA ASN A 185 11.91 -1.31 4.60
C ASN A 185 10.61 -1.85 5.15
N ILE A 186 10.21 -3.10 4.90
CA ILE A 186 9.02 -3.60 5.65
C ILE A 186 9.27 -4.99 6.24
N SER A 187 8.70 -5.26 7.43
CA SER A 187 8.87 -6.48 8.26
C SER A 187 9.01 -7.79 7.47
N GLN A 188 8.06 -8.06 6.57
CA GLN A 188 8.07 -9.25 5.67
C GLN A 188 8.86 -8.76 4.47
N GLN A 189 10.07 -9.26 4.22
CA GLN A 189 11.13 -8.59 3.39
C GLN A 189 11.95 -7.57 4.20
N PRO A 190 12.58 -7.99 5.32
CA PRO A 190 13.38 -7.07 6.15
C PRO A 190 14.83 -6.83 5.71
N ASP A 191 15.35 -7.66 4.78
CA ASP A 191 16.69 -7.46 4.16
C ASP A 191 16.58 -6.64 2.85
N VAL A 192 15.38 -6.26 2.44
CA VAL A 192 15.16 -5.50 1.19
C VAL A 192 14.99 -4.02 1.53
N VAL A 193 15.82 -3.21 0.85
CA VAL A 193 15.75 -1.73 0.71
C VAL A 193 15.00 -1.37 -0.58
N TYR A 194 13.90 -0.62 -0.43
CA TYR A 194 13.14 0.07 -1.49
C TYR A 194 13.55 1.54 -1.55
N SER A 195 13.99 2.02 -2.70
CA SER A 195 14.10 3.46 -3.06
C SER A 195 13.22 3.74 -4.29
N THR A 196 12.53 4.87 -4.27
CA THR A 196 11.22 5.01 -4.97
C THR A 196 10.96 6.51 -5.17
N PHE A 197 10.56 6.89 -6.39
CA PHE A 197 10.15 8.25 -6.78
C PHE A 197 8.66 8.24 -7.12
N HIS A 198 7.96 9.29 -6.72
CA HIS A 198 6.48 9.35 -6.82
C HIS A 198 6.25 10.70 -7.41
N LEU A 199 5.29 10.75 -8.33
CA LEU A 199 5.05 11.86 -9.29
C LEU A 199 3.91 11.47 -10.21
N SER A 200 3.26 12.46 -10.78
CA SER A 200 2.11 12.16 -11.63
C SER A 200 2.64 11.96 -13.04
N PRO A 201 1.89 11.22 -13.89
CA PRO A 201 2.41 10.82 -15.19
C PRO A 201 2.63 12.08 -16.04
N ASP A 202 1.69 13.02 -16.03
CA ASP A 202 1.80 14.35 -16.69
C ASP A 202 1.58 15.39 -15.59
N GLY A 203 1.51 16.68 -15.87
CA GLY A 203 1.14 17.58 -14.75
C GLY A 203 -0.33 17.49 -14.28
N VAL A 204 -1.18 16.63 -14.85
CA VAL A 204 -2.67 16.80 -14.90
C VAL A 204 -3.30 15.77 -13.95
N SER A 205 -3.32 14.49 -14.34
CA SER A 205 -3.60 13.31 -13.47
C SER A 205 -2.84 13.43 -12.16
N THR A 206 -3.48 13.08 -11.05
CA THR A 206 -2.87 13.06 -9.69
C THR A 206 -2.66 11.62 -9.26
N ARG A 207 -2.79 10.67 -10.17
CA ARG A 207 -2.38 9.26 -9.97
C ARG A 207 -0.86 9.24 -9.83
N ASP A 208 -0.35 8.24 -9.11
CA ASP A 208 1.04 8.09 -8.62
C ASP A 208 1.77 7.20 -9.64
N ALA A 209 2.49 7.82 -10.58
CA ALA A 209 3.26 7.10 -11.60
C ALA A 209 4.64 6.92 -11.00
N SER A 210 4.74 6.02 -10.04
CA SER A 210 5.97 5.88 -9.24
C SER A 210 6.96 5.03 -10.04
N ARG A 211 8.23 5.21 -9.76
CA ARG A 211 9.36 4.40 -10.28
C ARG A 211 10.22 4.05 -9.07
N GLY A 212 10.54 2.77 -8.87
CA GLY A 212 11.33 2.38 -7.70
C GLY A 212 12.17 1.18 -8.00
N GLY A 213 13.29 1.03 -7.33
CA GLY A 213 14.10 -0.20 -7.37
C GLY A 213 14.28 -0.74 -5.98
N THR A 214 15.06 -1.79 -5.85
CA THR A 214 15.28 -2.58 -4.63
C THR A 214 16.74 -3.06 -4.63
N VAL A 215 17.39 -3.10 -3.49
CA VAL A 215 18.52 -4.06 -3.27
C VAL A 215 18.24 -4.85 -1.98
N LYS A 216 18.62 -6.12 -2.00
CA LYS A 216 18.68 -7.01 -0.83
C LYS A 216 20.05 -6.79 -0.19
N ILE A 217 20.09 -6.42 1.09
CA ILE A 217 21.32 -6.54 1.92
C ILE A 217 21.06 -7.60 3.01
N GLU A 218 21.89 -8.63 3.10
CA GLU A 218 21.64 -9.76 4.04
C GLU A 218 21.97 -9.33 5.47
N ASN A 219 21.06 -9.64 6.41
CA ASN A 219 21.01 -9.09 7.80
C ASN A 219 21.27 -7.56 7.77
N LEU A 220 20.29 -6.78 7.31
CA LEU A 220 20.46 -5.33 7.04
C LEU A 220 20.30 -4.57 8.35
N SER A 221 19.71 -5.26 9.32
CA SER A 221 19.41 -4.73 10.66
C SER A 221 20.68 -4.83 11.51
N ASP A 222 21.63 -5.69 11.18
CA ASP A 222 22.88 -5.79 12.00
C ASP A 222 23.63 -4.45 12.01
N ASP A 223 24.18 -4.01 10.87
CA ASP A 223 25.01 -2.79 10.81
C ASP A 223 24.26 -1.57 10.27
N PHE A 224 24.89 -0.42 10.53
CA PHE A 224 24.58 0.89 9.94
C PHE A 224 24.95 0.83 8.44
N HIS A 225 24.13 1.50 7.64
CA HIS A 225 24.34 1.67 6.19
C HIS A 225 24.08 3.12 5.82
N THR A 226 24.89 3.66 4.91
CA THR A 226 24.75 5.04 4.39
C THR A 226 23.82 5.04 3.17
N TYR A 227 22.80 5.88 3.23
CA TYR A 227 21.78 6.05 2.18
C TYR A 227 22.11 7.38 1.51
N VAL A 228 22.31 7.38 0.20
CA VAL A 228 22.90 8.55 -0.54
C VAL A 228 22.06 8.91 -1.78
N MET A 229 21.69 10.18 -1.83
CA MET A 229 20.99 10.74 -2.99
C MET A 229 21.91 11.78 -3.64
N GLU A 230 22.42 11.54 -4.84
CA GLU A 230 23.01 12.60 -5.74
C GLU A 230 21.88 13.12 -6.64
N TRP A 231 21.82 14.44 -6.90
CA TRP A 231 20.69 15.16 -7.53
C TRP A 231 21.19 16.41 -8.25
N ASP A 232 21.27 16.36 -9.59
CA ASP A 232 21.30 17.50 -10.54
C ASP A 232 19.90 17.87 -11.04
N LYS A 233 19.86 18.85 -11.92
CA LYS A 233 18.70 19.11 -12.81
C LYS A 233 18.59 18.15 -14.05
N ASP A 234 19.52 17.17 -14.11
CA ASP A 234 19.46 16.14 -15.17
C ASP A 234 19.11 14.74 -14.64
N SER A 235 19.53 14.36 -13.40
CA SER A 235 19.14 13.06 -12.78
C SER A 235 19.06 13.10 -11.23
N ILE A 236 18.41 12.07 -10.67
CA ILE A 236 18.54 11.64 -9.26
C ILE A 236 18.96 10.17 -9.17
N LYS A 237 20.06 9.94 -8.44
CA LYS A 237 20.60 8.62 -8.03
C LYS A 237 20.22 8.43 -6.56
N LEU A 238 19.66 7.27 -6.21
CA LEU A 238 19.41 6.77 -4.83
C LEU A 238 20.21 5.50 -4.61
N MET A 239 21.18 5.59 -3.69
CA MET A 239 22.05 4.47 -3.33
C MET A 239 21.90 4.12 -1.85
N VAL A 240 22.24 2.86 -1.57
CA VAL A 240 22.68 2.32 -0.26
C VAL A 240 24.13 1.99 -0.46
N ASP A 241 25.04 2.59 0.30
CA ASP A 241 26.32 1.88 0.52
C ASP A 241 26.97 1.77 -0.85
N ASP A 242 26.82 2.85 -1.63
CA ASP A 242 27.44 2.95 -2.99
C ASP A 242 26.89 1.85 -3.94
N LYS A 243 25.78 1.18 -3.61
CA LYS A 243 25.00 0.33 -4.55
C LYS A 243 23.77 1.11 -5.01
N LEU A 244 23.55 1.16 -6.33
CA LEU A 244 22.47 1.94 -6.96
C LEU A 244 21.16 1.17 -6.74
N VAL A 245 20.19 1.80 -6.06
CA VAL A 245 18.80 1.26 -6.00
C VAL A 245 18.00 1.75 -7.22
N LYS A 246 17.96 3.05 -7.42
CA LYS A 246 17.13 3.62 -8.49
C LYS A 246 17.71 4.96 -8.96
N SER A 247 17.86 5.11 -10.26
CA SER A 247 18.14 6.38 -10.96
C SER A 247 16.85 6.81 -11.64
N ILE A 248 16.66 8.11 -11.82
CA ILE A 248 15.61 8.71 -12.68
C ILE A 248 16.30 9.73 -13.59
N ASP A 249 15.99 9.79 -14.91
CA ASP A 249 16.46 10.90 -15.79
C ASP A 249 15.38 12.00 -15.70
N LEU A 250 15.72 13.20 -15.23
CA LEU A 250 14.72 14.30 -15.02
C LEU A 250 14.20 14.87 -16.38
N ASN A 251 14.86 14.58 -17.51
CA ASN A 251 14.37 14.98 -18.88
C ASN A 251 13.09 14.18 -19.33
N THR A 252 12.75 13.13 -18.47
CA THR A 252 11.54 12.26 -18.57
C THR A 252 10.46 12.59 -17.51
N THR A 253 10.78 13.38 -16.48
CA THR A 253 9.76 13.84 -15.50
C THR A 253 9.32 15.28 -15.80
N ASN A 254 9.31 15.70 -17.07
CA ASN A 254 8.70 16.99 -17.48
C ASN A 254 7.16 16.78 -17.38
N TYR A 255 6.45 17.81 -16.90
CA TYR A 255 4.96 17.75 -16.87
C TYR A 255 4.46 18.48 -18.10
N ALA A 256 3.27 18.12 -18.58
CA ALA A 256 2.59 18.59 -19.82
C ALA A 256 2.35 20.09 -19.79
N ASN A 257 2.31 20.67 -21.02
CA ASN A 257 2.12 22.13 -21.36
C ASN A 257 3.43 22.92 -20.90
N GLY A 258 3.12 23.94 -20.03
CA GLY A 258 4.13 24.56 -19.13
C GLY A 258 4.40 23.66 -17.94
N ALA A 259 3.45 23.61 -17.03
CA ALA A 259 3.61 23.04 -15.68
C ALA A 259 5.11 23.03 -15.26
N GLY A 260 5.89 21.97 -15.59
CA GLY A 260 7.36 21.88 -15.55
C GLY A 260 7.93 21.21 -14.29
N ASN A 261 8.12 19.89 -14.32
CA ASN A 261 9.12 19.14 -13.48
C ASN A 261 9.04 19.39 -11.97
N PRO A 262 8.47 18.44 -11.19
CA PRO A 262 8.46 18.56 -9.75
C PRO A 262 9.83 18.33 -9.08
N PHE A 263 10.79 17.74 -9.80
CA PHE A 263 12.11 17.36 -9.25
C PHE A 263 13.16 18.47 -9.42
N ARG A 264 12.76 19.65 -9.91
CA ARG A 264 13.64 20.84 -9.95
C ARG A 264 13.00 21.91 -9.04
N THR A 265 12.39 21.48 -7.96
CA THR A 265 11.89 22.38 -6.90
C THR A 265 12.57 21.89 -5.63
N PRO A 266 12.56 22.69 -4.55
CA PRO A 266 13.12 22.22 -3.27
C PRO A 266 12.24 21.16 -2.60
N PHE A 267 12.94 20.28 -1.89
CA PHE A 267 12.38 19.09 -1.21
C PHE A 267 12.72 19.13 0.30
N TYR A 268 11.77 18.83 1.19
CA TYR A 268 12.10 18.76 2.65
C TYR A 268 12.19 17.31 3.10
N LEU A 269 12.95 17.11 4.17
CA LEU A 269 13.41 15.77 4.62
C LEU A 269 12.60 15.29 5.82
N ILE A 270 12.30 13.99 5.81
CA ILE A 270 11.60 13.27 6.90
C ILE A 270 12.36 12.02 7.28
N LEU A 271 12.56 11.87 8.60
CA LEU A 271 13.09 10.63 9.25
C LEU A 271 12.01 10.12 10.19
N ASN A 272 11.53 8.90 10.02
CA ASN A 272 10.37 8.41 10.79
C ASN A 272 10.38 6.87 10.84
N SER A 273 9.76 6.30 11.88
CA SER A 273 9.30 4.90 11.95
C SER A 273 7.78 4.93 12.05
N ALA A 274 7.11 4.44 11.01
CA ALA A 274 5.68 4.13 11.09
C ALA A 274 5.51 2.69 11.58
N VAL A 275 4.27 2.30 11.83
CA VAL A 275 3.85 0.95 12.28
C VAL A 275 2.69 0.58 11.36
N GLY A 276 2.65 -0.65 10.87
CA GLY A 276 1.59 -1.10 9.97
C GLY A 276 1.57 -0.24 8.72
N GLY A 277 0.40 0.02 8.17
CA GLY A 277 0.22 0.29 6.72
C GLY A 277 -0.71 -0.73 6.06
N THR A 278 -1.47 -0.30 5.05
CA THR A 278 -2.36 -1.16 4.22
C THR A 278 -1.49 -2.27 3.56
N TRP A 279 -0.24 -1.93 3.22
CA TRP A 279 0.77 -2.97 2.97
C TRP A 279 1.96 -2.70 3.87
N CYS A 280 2.05 -3.65 4.78
CA CYS A 280 3.05 -3.88 5.85
C CYS A 280 2.28 -4.79 6.80
N GLU A 281 2.66 -6.04 6.97
CA GLU A 281 2.39 -6.71 8.26
C GLU A 281 1.95 -5.66 9.30
N LYS A 282 0.88 -5.93 10.01
CA LYS A 282 0.53 -5.05 11.14
C LYS A 282 1.30 -5.56 12.37
N ALA A 283 1.73 -4.67 13.23
CA ALA A 283 2.41 -5.00 14.49
C ALA A 283 1.46 -5.78 15.43
N PRO A 284 1.93 -6.66 16.35
CA PRO A 284 0.99 -7.52 17.08
C PRO A 284 -0.01 -6.76 17.97
N LYS A 285 -1.22 -7.29 18.15
CA LYS A 285 -2.29 -6.65 18.96
C LYS A 285 -1.75 -6.36 20.36
N ASP A 286 -0.80 -7.17 20.84
CA ASP A 286 -0.25 -7.17 22.23
C ASP A 286 1.13 -6.49 22.32
N GLY A 287 1.71 -5.98 21.22
CA GLY A 287 2.97 -5.21 21.25
C GLY A 287 4.21 -6.10 21.38
N GLN A 288 4.12 -7.39 21.06
CA GLN A 288 5.31 -8.26 21.04
C GLN A 288 6.40 -7.74 20.08
N GLY A 289 7.62 -7.66 20.59
CA GLY A 289 8.82 -7.28 19.83
C GLY A 289 9.21 -5.86 20.15
N TYR A 290 8.31 -5.09 20.77
CA TYR A 290 8.46 -3.62 21.02
C TYR A 290 8.85 -3.44 22.47
N PRO A 291 9.65 -2.43 22.86
CA PRO A 291 10.03 -1.32 21.99
C PRO A 291 11.10 -1.66 20.96
N VAL A 292 11.30 -0.73 20.04
CA VAL A 292 12.25 -0.92 18.93
C VAL A 292 12.76 0.49 18.64
N LYS A 293 14.01 0.58 18.16
CA LYS A 293 14.71 1.87 17.84
C LYS A 293 15.15 2.00 16.35
N PHE A 294 15.11 3.21 15.82
CA PHE A 294 15.68 3.56 14.50
C PHE A 294 16.76 4.58 14.83
N LEU A 295 18.01 4.26 14.48
CA LEU A 295 19.18 5.10 14.82
C LEU A 295 19.67 5.78 13.57
N ILE A 296 19.75 7.11 13.58
CA ILE A 296 20.41 7.87 12.46
C ILE A 296 21.75 8.36 13.01
N ASP A 297 22.85 7.81 12.52
CA ASP A 297 24.18 8.33 12.95
C ASP A 297 24.33 9.77 12.42
N TYR A 298 24.08 10.06 11.16
CA TYR A 298 24.27 11.44 10.66
C TYR A 298 23.43 11.76 9.42
N VAL A 299 23.27 13.06 9.23
CA VAL A 299 22.69 13.67 8.01
C VAL A 299 23.67 14.74 7.55
N ARG A 300 24.22 14.57 6.34
CA ARG A 300 25.18 15.51 5.70
C ARG A 300 24.71 15.81 4.28
N PHE A 301 24.42 17.09 4.04
CA PHE A 301 24.09 17.65 2.70
C PHE A 301 25.33 18.34 2.13
N TYR A 302 25.76 17.98 0.91
CA TYR A 302 26.89 18.63 0.17
C TYR A 302 26.47 19.16 -1.23
N GLN A 303 27.18 20.18 -1.73
CA GLN A 303 26.93 20.85 -3.05
C GLN A 303 28.24 21.26 -3.75
N THR A 304 28.39 20.93 -5.02
CA THR A 304 29.46 21.54 -5.87
C THR A 304 29.01 22.95 -6.22
N LYS A 305 29.96 23.82 -6.63
CA LYS A 305 29.68 25.13 -7.24
C LYS A 305 28.51 24.95 -8.20
N GLU A 306 28.62 23.86 -8.98
CA GLU A 306 27.67 23.43 -10.04
C GLU A 306 26.24 23.28 -9.46
N HIS A 307 26.07 22.56 -8.34
CA HIS A 307 24.72 22.20 -7.74
C HIS A 307 23.99 23.44 -7.16
N ALA A 308 24.74 24.36 -6.57
CA ALA A 308 24.19 25.66 -6.10
C ALA A 308 23.91 26.61 -7.29
N GLN A 309 24.72 26.52 -8.36
CA GLN A 309 24.56 27.24 -9.66
C GLN A 309 23.20 26.90 -10.30
N GLN A 310 22.94 25.61 -10.53
CA GLN A 310 21.73 25.10 -11.24
C GLN A 310 20.47 25.59 -10.47
N ALA A 311 20.52 25.68 -9.12
CA ALA A 311 19.37 25.95 -8.21
C ALA A 311 18.72 27.31 -8.50
N LYS A 312 19.57 28.33 -8.54
CA LYS A 312 19.22 29.75 -8.74
C LYS A 312 18.54 29.93 -10.11
N GLN A 313 18.66 28.93 -11.01
CA GLN A 313 18.19 29.03 -12.42
C GLN A 313 16.90 28.20 -12.65
N PHE A 314 16.02 28.06 -11.66
CA PHE A 314 14.68 27.45 -11.82
C PHE A 314 13.65 28.06 -10.89
N ASP A 315 12.47 28.41 -11.41
CA ASP A 315 11.34 28.92 -10.59
C ASP A 315 11.05 27.84 -9.56
N PRO A 316 11.39 28.00 -8.26
CA PRO A 316 11.21 26.90 -7.34
C PRO A 316 9.73 26.50 -7.26
N GLU A 317 8.76 27.39 -7.57
CA GLU A 317 7.32 27.06 -7.38
C GLU A 317 6.87 26.04 -8.47
N THR A 318 7.68 25.82 -9.53
CA THR A 318 7.26 25.09 -10.78
C THR A 318 8.35 24.20 -11.40
N GLY A 319 9.65 24.49 -11.25
CA GLY A 319 10.72 23.69 -11.86
C GLY A 319 11.05 24.07 -13.28
N LEU A 320 10.37 25.06 -13.90
CA LEU A 320 10.74 25.56 -15.28
C LEU A 320 12.04 26.39 -15.24
N PRO A 321 12.82 26.46 -16.34
CA PRO A 321 13.85 27.50 -16.45
C PRO A 321 13.20 28.89 -16.22
N PRO B 44 -20.19 -30.59 -11.40
CA PRO B 44 -20.20 -29.56 -10.27
C PRO B 44 -20.74 -30.12 -8.95
N PRO B 45 -19.91 -30.55 -7.95
CA PRO B 45 -20.38 -31.47 -6.92
C PRO B 45 -21.47 -30.78 -6.10
N ARG B 46 -22.54 -31.51 -5.80
CA ARG B 46 -23.78 -30.96 -5.18
C ARG B 46 -23.85 -31.27 -3.69
N THR B 47 -23.12 -32.26 -3.15
CA THR B 47 -23.21 -32.62 -1.72
C THR B 47 -22.04 -31.97 -1.00
N LEU B 48 -20.82 -32.48 -1.15
CA LEU B 48 -19.71 -32.28 -0.17
C LEU B 48 -20.06 -32.96 1.17
N PRO B 49 -19.07 -33.59 1.84
CA PRO B 49 -19.25 -34.13 3.17
C PRO B 49 -19.10 -33.10 4.29
N GLY B 50 -20.00 -33.16 5.27
CA GLY B 50 -20.22 -32.18 6.35
C GLY B 50 -21.61 -31.58 6.26
N GLY B 51 -22.49 -32.21 5.45
CA GLY B 51 -23.88 -31.76 5.18
C GLY B 51 -23.95 -30.48 4.34
N TRP B 52 -22.83 -30.09 3.72
CA TRP B 52 -22.74 -28.95 2.79
C TRP B 52 -23.70 -29.20 1.63
N VAL B 53 -24.20 -28.15 0.98
CA VAL B 53 -25.15 -28.34 -0.15
C VAL B 53 -24.95 -27.14 -1.07
N TYR B 54 -24.76 -27.40 -2.38
CA TYR B 54 -24.34 -26.39 -3.40
C TYR B 54 -25.49 -25.41 -3.58
N VAL B 55 -25.21 -24.10 -3.49
CA VAL B 55 -26.24 -23.02 -3.50
C VAL B 55 -26.08 -22.18 -4.75
N TRP B 56 -24.84 -21.95 -5.18
CA TRP B 56 -24.51 -20.93 -6.20
C TRP B 56 -23.06 -21.14 -6.62
N GLY B 57 -22.78 -20.88 -7.90
CA GLY B 57 -21.44 -20.96 -8.50
C GLY B 57 -21.54 -20.93 -9.99
N ASP B 58 -20.40 -21.12 -10.64
CA ASP B 58 -20.21 -21.09 -12.11
C ASP B 58 -19.02 -22.00 -12.36
N GLU B 59 -19.13 -22.87 -13.34
CA GLU B 59 -18.07 -23.79 -13.77
C GLU B 59 -17.41 -23.20 -15.02
N PHE B 60 -17.91 -22.06 -15.49
CA PHE B 60 -17.45 -21.34 -16.70
C PHE B 60 -17.34 -22.28 -17.91
N ASN B 61 -18.29 -23.21 -18.09
CA ASN B 61 -18.32 -24.12 -19.25
C ASN B 61 -19.15 -23.50 -20.38
N GLY B 62 -19.85 -22.40 -20.10
CA GLY B 62 -20.78 -21.74 -21.02
C GLY B 62 -20.02 -21.16 -22.20
N SER B 63 -20.75 -20.60 -23.14
CA SER B 63 -20.20 -20.03 -24.41
C SER B 63 -19.66 -18.60 -24.16
N ARG B 64 -20.50 -17.64 -23.75
CA ARG B 64 -20.08 -16.33 -23.20
C ARG B 64 -20.41 -16.29 -21.68
N ILE B 65 -19.98 -15.23 -21.00
CA ILE B 65 -20.03 -15.06 -19.51
C ILE B 65 -21.48 -14.88 -19.05
N ASP B 66 -21.91 -15.49 -17.95
CA ASP B 66 -23.33 -15.46 -17.49
C ASP B 66 -23.64 -14.15 -16.77
N ALA B 67 -24.12 -13.11 -17.47
CA ALA B 67 -24.43 -11.74 -16.98
C ALA B 67 -25.40 -11.70 -15.78
N LYS B 68 -26.04 -12.81 -15.41
CA LYS B 68 -26.95 -12.85 -14.22
C LYS B 68 -26.18 -13.39 -12.97
N LYS B 69 -24.88 -13.66 -13.12
CA LYS B 69 -23.94 -14.12 -12.07
C LYS B 69 -22.75 -13.15 -11.94
N TRP B 70 -22.20 -12.69 -13.06
CA TRP B 70 -21.00 -11.83 -13.11
C TRP B 70 -21.31 -10.63 -13.98
N LYS B 71 -21.10 -9.43 -13.43
CA LYS B 71 -21.09 -8.17 -14.21
C LYS B 71 -19.69 -7.63 -14.12
N PRO B 72 -19.15 -7.03 -15.19
CA PRO B 72 -17.79 -6.49 -15.14
C PRO B 72 -17.70 -5.13 -14.42
N GLU B 73 -16.61 -4.84 -13.73
CA GLU B 73 -16.31 -3.45 -13.28
C GLU B 73 -15.75 -2.68 -14.47
N LEU B 74 -15.92 -1.36 -14.50
CA LEU B 74 -15.53 -0.53 -15.67
C LEU B 74 -14.69 0.67 -15.22
N GLY B 75 -13.61 0.95 -15.96
CA GLY B 75 -12.74 2.11 -15.74
C GLY B 75 -11.83 1.97 -14.53
N VAL B 76 -11.30 3.10 -14.06
CA VAL B 76 -10.40 3.18 -12.89
C VAL B 76 -11.23 3.17 -11.58
N ILE B 77 -10.90 2.33 -10.58
CA ILE B 77 -11.81 2.14 -9.40
C ILE B 77 -11.07 2.37 -8.08
N ARG B 78 -9.80 1.96 -7.98
CA ARG B 78 -9.10 1.95 -6.67
C ARG B 78 -7.59 1.77 -6.83
N ASN B 79 -6.92 2.35 -5.86
CA ASN B 79 -5.47 2.28 -5.61
C ASN B 79 -4.82 3.27 -6.56
N GLN B 80 -4.48 4.41 -5.98
CA GLN B 80 -3.99 5.61 -6.65
C GLN B 80 -2.64 5.31 -7.32
N GLY B 81 -2.06 4.13 -7.09
CA GLY B 81 -0.75 3.75 -7.66
C GLY B 81 -0.94 2.79 -8.80
N SER B 82 -2.17 2.33 -9.01
CA SER B 82 -2.52 1.30 -10.01
C SER B 82 -2.35 1.90 -11.41
N GLN B 83 -2.24 1.06 -12.43
CA GLN B 83 -1.96 1.58 -13.80
C GLN B 83 -2.81 0.87 -14.87
N GLN B 84 -3.88 0.19 -14.49
CA GLN B 84 -4.88 -0.34 -15.45
C GLN B 84 -6.18 0.48 -15.40
N THR B 85 -7.06 0.27 -16.37
CA THR B 85 -8.52 0.54 -16.32
C THR B 85 -9.24 -0.71 -16.79
N TYR B 86 -10.44 -0.92 -16.30
CA TYR B 86 -11.08 -2.25 -16.34
C TYR B 86 -12.13 -2.21 -17.43
N THR B 87 -12.15 -3.22 -18.30
CA THR B 87 -13.16 -3.31 -19.39
C THR B 87 -13.92 -4.63 -19.29
N GLY B 88 -14.93 -4.75 -20.15
CA GLY B 88 -15.87 -5.87 -20.25
C GLY B 88 -15.77 -6.54 -21.61
N ARG B 89 -14.77 -6.15 -22.43
CA ARG B 89 -14.50 -6.63 -23.80
C ARG B 89 -13.87 -8.02 -23.75
N PRO B 90 -14.22 -8.95 -24.68
CA PRO B 90 -13.52 -10.23 -24.80
C PRO B 90 -12.01 -10.15 -24.50
N LYS B 91 -11.35 -9.13 -25.01
CA LYS B 91 -9.90 -8.89 -24.87
C LYS B 91 -9.41 -9.05 -23.43
N ASN B 92 -10.17 -8.60 -22.41
CA ASN B 92 -9.82 -8.60 -20.96
C ASN B 92 -10.63 -9.65 -20.17
N MET B 93 -11.75 -10.10 -20.74
CA MET B 93 -12.78 -10.90 -20.04
C MET B 93 -13.44 -11.89 -21.01
N ARG B 94 -13.38 -13.19 -20.73
CA ARG B 94 -13.97 -14.18 -21.63
C ARG B 94 -13.71 -15.60 -21.12
N LEU B 95 -14.38 -16.56 -21.74
CA LEU B 95 -14.36 -18.00 -21.39
C LEU B 95 -13.44 -18.78 -22.36
N GLU B 96 -12.57 -19.65 -21.81
CA GLU B 96 -11.59 -20.52 -22.54
C GLU B 96 -11.33 -21.78 -21.70
N ASP B 97 -11.47 -22.98 -22.29
CA ASP B 97 -11.30 -24.29 -21.59
C ASP B 97 -11.93 -24.21 -20.19
N GLY B 98 -13.26 -24.16 -20.10
CA GLY B 98 -13.99 -24.10 -18.82
C GLY B 98 -13.29 -23.23 -17.77
N CYS B 99 -12.79 -22.05 -18.17
CA CYS B 99 -12.26 -21.01 -17.23
C CYS B 99 -12.72 -19.62 -17.62
N LEU B 100 -12.92 -18.81 -16.58
CA LEU B 100 -12.95 -17.35 -16.70
C LEU B 100 -11.50 -16.86 -16.86
N VAL B 101 -11.24 -16.22 -18.00
CA VAL B 101 -9.95 -15.57 -18.34
C VAL B 101 -10.06 -14.09 -17.98
N LEU B 102 -9.22 -13.61 -17.05
CA LEU B 102 -9.03 -12.15 -16.79
C LEU B 102 -7.63 -11.79 -17.32
N GLU B 103 -7.63 -11.35 -18.57
CA GLU B 103 -6.42 -11.11 -19.39
C GLU B 103 -6.11 -9.62 -19.31
N THR B 104 -4.84 -9.33 -19.06
CA THR B 104 -4.29 -7.99 -18.72
C THR B 104 -3.40 -7.61 -19.92
N HIS B 105 -3.62 -6.45 -20.54
CA HIS B 105 -2.96 -5.96 -21.77
C HIS B 105 -2.16 -4.67 -21.52
N PHE B 106 -1.05 -4.45 -22.20
CA PHE B 106 -0.47 -3.10 -22.38
C PHE B 106 -1.19 -2.50 -23.62
N GLU B 107 -1.94 -1.41 -23.40
CA GLU B 107 -3.01 -0.92 -24.29
C GLU B 107 -3.53 0.41 -23.76
N LYS B 108 -2.92 1.53 -24.19
CA LYS B 108 -3.40 2.88 -23.81
C LYS B 108 -4.92 2.93 -24.04
N PHE B 109 -5.70 3.42 -23.08
CA PHE B 109 -7.17 3.21 -23.09
C PHE B 109 -7.90 4.14 -22.13
N ALA B 110 -9.12 4.49 -22.53
CA ALA B 110 -9.90 5.61 -21.98
C ALA B 110 -10.54 5.17 -20.67
N ASN B 111 -10.32 6.02 -19.68
CA ASN B 111 -10.97 5.89 -18.37
C ASN B 111 -12.42 6.32 -18.61
N VAL B 112 -13.35 5.38 -18.60
CA VAL B 112 -14.78 5.73 -18.77
C VAL B 112 -15.27 6.61 -17.62
N ASN B 113 -14.60 6.59 -16.43
CA ASN B 113 -15.00 7.34 -15.19
C ASN B 113 -14.34 8.72 -15.10
N TYR B 114 -13.84 9.23 -16.24
CA TYR B 114 -12.92 10.38 -16.49
C TYR B 114 -13.40 11.70 -15.90
N LYS B 115 -14.50 12.31 -16.34
CA LYS B 115 -14.98 13.65 -15.80
C LYS B 115 -13.89 14.74 -15.70
N LYS B 116 -14.14 15.85 -16.37
CA LYS B 116 -13.21 16.96 -16.71
C LYS B 116 -12.96 17.78 -15.44
N SER B 117 -11.77 18.35 -15.28
CA SER B 117 -11.48 19.47 -14.36
C SER B 117 -11.55 19.10 -12.85
N SER B 118 -11.52 17.80 -12.49
CA SER B 118 -11.58 17.32 -11.09
C SER B 118 -10.18 17.07 -10.54
N ALA B 119 -9.92 17.44 -9.29
CA ALA B 119 -8.94 16.74 -8.39
C ALA B 119 -9.47 15.30 -8.36
N ASP B 120 -8.97 14.39 -7.53
CA ASP B 120 -9.55 13.00 -7.51
C ASP B 120 -9.00 12.25 -8.71
N TRP B 121 -7.99 11.44 -8.47
CA TRP B 121 -7.20 10.76 -9.52
C TRP B 121 -8.09 9.88 -10.41
N ILE B 122 -9.19 9.35 -9.87
CA ILE B 122 -10.13 8.44 -10.60
C ILE B 122 -10.78 9.26 -11.70
N LYS B 123 -11.00 10.55 -11.47
CA LYS B 123 -11.70 11.41 -12.42
C LYS B 123 -10.67 12.11 -13.31
N ASN B 124 -9.53 12.57 -12.81
CA ASN B 124 -8.63 13.39 -13.68
C ASN B 124 -7.68 12.51 -14.51
N THR B 125 -7.75 11.18 -14.42
CA THR B 125 -6.90 10.29 -15.24
C THR B 125 -7.68 9.90 -16.51
N LYS B 126 -7.28 10.47 -17.66
CA LYS B 126 -8.00 10.32 -18.94
C LYS B 126 -7.65 8.99 -19.64
N PHE B 127 -6.39 8.59 -19.67
CA PHE B 127 -5.97 7.28 -20.23
C PHE B 127 -5.18 6.53 -19.20
N MET B 128 -5.20 5.20 -19.20
CA MET B 128 -4.17 4.38 -18.50
C MET B 128 -3.39 3.61 -19.56
N PRO B 129 -2.12 3.22 -19.27
CA PRO B 129 -1.47 2.15 -20.04
C PRO B 129 -2.31 0.91 -19.72
N TYR B 130 -2.00 -0.32 -20.10
CA TYR B 130 -2.65 -1.48 -19.37
C TYR B 130 -4.20 -1.38 -19.23
N THR B 131 -4.94 -2.18 -19.99
CA THR B 131 -6.35 -2.57 -19.71
C THR B 131 -6.32 -3.91 -18.94
N SER B 132 -7.37 -4.23 -18.20
CA SER B 132 -7.50 -5.54 -17.52
C SER B 132 -8.98 -5.85 -17.31
N GLY B 133 -9.26 -6.85 -16.48
CA GLY B 133 -10.61 -7.43 -16.28
C GLY B 133 -10.94 -7.62 -14.81
N SER B 134 -12.18 -7.28 -14.45
CA SER B 134 -12.73 -7.44 -13.09
C SER B 134 -14.21 -7.79 -13.22
N VAL B 135 -14.67 -8.74 -12.42
CA VAL B 135 -16.10 -9.10 -12.30
C VAL B 135 -16.49 -9.07 -10.84
N THR B 136 -17.78 -8.84 -10.63
CA THR B 136 -18.37 -8.51 -9.30
C THR B 136 -19.79 -9.09 -9.22
N THR B 137 -20.13 -9.69 -8.07
CA THR B 137 -21.49 -10.24 -7.81
C THR B 137 -22.37 -9.18 -7.13
N ILE B 138 -21.88 -7.94 -7.03
CA ILE B 138 -22.52 -6.86 -6.21
C ILE B 138 -24.01 -6.77 -6.58
N LYS B 139 -24.38 -6.90 -7.86
CA LYS B 139 -25.79 -6.84 -8.32
C LYS B 139 -26.34 -8.25 -8.58
N THR B 140 -25.52 -9.30 -8.56
CA THR B 140 -25.97 -10.66 -8.98
C THR B 140 -26.20 -11.58 -7.78
N LYS B 141 -25.29 -11.61 -6.82
CA LYS B 141 -25.38 -12.59 -5.71
C LYS B 141 -24.67 -12.08 -4.45
N ASN B 142 -25.28 -12.31 -3.29
CA ASN B 142 -24.75 -11.90 -1.97
C ASN B 142 -24.65 -13.12 -1.06
N PHE B 143 -23.54 -13.24 -0.37
CA PHE B 143 -23.24 -14.45 0.43
C PHE B 143 -23.37 -14.05 1.88
N MET B 144 -23.94 -14.91 2.70
CA MET B 144 -23.92 -14.76 4.17
C MET B 144 -23.82 -16.13 4.79
N PHE B 145 -22.66 -16.42 5.34
CA PHE B 145 -22.29 -17.74 5.93
C PHE B 145 -22.27 -18.81 4.83
N GLY B 146 -21.19 -19.58 4.83
CA GLY B 146 -21.05 -20.69 3.89
C GLY B 146 -19.62 -21.12 3.73
N ARG B 147 -19.39 -21.84 2.63
CA ARG B 147 -18.08 -22.32 2.18
C ARG B 147 -18.00 -21.92 0.71
N LEU B 148 -17.18 -20.90 0.45
CA LEU B 148 -16.90 -20.31 -0.87
C LEU B 148 -15.56 -20.87 -1.38
N GLU B 149 -15.62 -21.66 -2.46
CA GLU B 149 -14.45 -22.31 -3.08
C GLU B 149 -14.17 -21.58 -4.39
N VAL B 150 -12.95 -21.06 -4.53
CA VAL B 150 -12.45 -20.51 -5.82
C VAL B 150 -11.16 -21.25 -6.13
N ARG B 151 -11.16 -21.94 -7.28
CA ARG B 151 -9.99 -22.60 -7.85
C ARG B 151 -9.44 -21.78 -9.00
N ALA B 152 -8.19 -21.34 -8.88
CA ALA B 152 -7.56 -20.40 -9.84
C ALA B 152 -6.03 -20.52 -9.84
N LYS B 153 -5.48 -20.21 -11.01
CA LYS B 153 -4.04 -20.17 -11.33
C LYS B 153 -3.63 -18.72 -11.56
N VAL B 154 -2.64 -18.23 -10.82
CA VAL B 154 -2.25 -16.79 -10.97
C VAL B 154 -1.30 -16.61 -12.12
N PRO B 155 -1.29 -15.42 -12.74
CA PRO B 155 -0.24 -15.03 -13.64
C PRO B 155 1.04 -14.72 -12.86
N LYS B 156 2.19 -14.63 -13.54
CA LYS B 156 3.46 -14.22 -12.91
C LYS B 156 4.25 -13.35 -13.88
N THR B 157 4.13 -12.03 -13.75
CA THR B 157 5.01 -11.03 -14.38
C THR B 157 5.05 -9.81 -13.48
N LYS B 158 5.98 -8.90 -13.72
CA LYS B 158 6.14 -7.70 -12.85
C LYS B 158 4.88 -6.83 -12.96
N GLY B 159 4.43 -6.39 -11.79
CA GLY B 159 3.27 -5.49 -11.64
C GLY B 159 1.95 -6.22 -11.48
N ILE B 160 1.83 -7.52 -11.74
CA ILE B 160 0.47 -8.13 -11.79
C ILE B 160 0.04 -8.46 -10.37
N TRP B 161 -1.22 -8.13 -10.09
CA TRP B 161 -1.85 -8.19 -8.75
C TRP B 161 -3.22 -8.82 -8.83
N PRO B 162 -3.32 -10.15 -8.96
CA PRO B 162 -4.60 -10.86 -8.90
C PRO B 162 -5.12 -11.04 -7.47
N ALA B 163 -6.43 -10.99 -7.37
CA ALA B 163 -7.21 -10.92 -6.12
C ALA B 163 -8.50 -11.74 -6.25
N ILE B 164 -8.82 -12.48 -5.19
CA ILE B 164 -10.17 -13.05 -4.92
C ILE B 164 -10.59 -12.47 -3.57
N TRP B 165 -11.56 -11.57 -3.59
CA TRP B 165 -11.91 -10.84 -2.34
C TRP B 165 -13.39 -10.54 -2.31
N LEU B 166 -13.86 -10.20 -1.10
CA LEU B 166 -15.25 -9.75 -0.82
C LEU B 166 -15.31 -8.44 -0.02
N LEU B 167 -16.50 -7.81 -0.06
CA LEU B 167 -16.85 -6.54 0.61
C LEU B 167 -18.26 -6.65 1.19
N GLY B 168 -18.42 -6.24 2.47
CA GLY B 168 -19.70 -6.20 3.20
C GLY B 168 -20.73 -5.26 2.55
N LYS B 169 -21.89 -5.78 2.17
CA LYS B 169 -23.07 -4.94 1.86
C LYS B 169 -23.91 -4.79 3.14
N ASN B 170 -23.76 -3.65 3.82
CA ASN B 170 -24.43 -3.31 5.09
C ASN B 170 -24.53 -1.79 5.14
N LYS B 171 -24.70 -1.19 6.31
CA LYS B 171 -24.99 0.27 6.43
C LYS B 171 -23.69 1.08 6.49
N TRP B 172 -22.53 0.43 6.36
CA TRP B 172 -21.21 1.06 6.56
C TRP B 172 -20.47 1.17 5.22
N GLY B 173 -19.53 2.11 5.16
CA GLY B 173 -18.56 2.27 4.09
C GLY B 173 -17.22 1.75 4.56
N TRP B 174 -16.26 1.79 3.66
CA TRP B 174 -14.92 1.19 3.86
C TRP B 174 -14.07 1.98 4.88
N PRO B 175 -13.44 1.30 5.86
CA PRO B 175 -13.39 -0.16 5.94
C PRO B 175 -14.41 -0.71 6.91
N VAL B 176 -15.35 0.11 7.39
CA VAL B 176 -16.22 -0.25 8.56
C VAL B 176 -17.11 -1.41 8.11
N ASN B 177 -17.36 -1.53 6.79
CA ASN B 177 -18.34 -2.48 6.24
C ASN B 177 -17.74 -3.86 6.16
N GLY B 178 -16.42 -3.91 6.28
CA GLY B 178 -15.70 -5.18 6.27
C GLY B 178 -15.26 -5.55 4.86
N GLU B 179 -14.08 -6.16 4.75
CA GLU B 179 -13.53 -6.75 3.52
C GLU B 179 -12.87 -8.07 3.94
N ILE B 180 -13.04 -9.11 3.11
CA ILE B 180 -12.32 -10.42 3.19
C ILE B 180 -11.54 -10.68 1.89
N ASP B 181 -10.22 -10.59 1.95
CA ASP B 181 -9.32 -10.96 0.84
C ASP B 181 -8.99 -12.45 1.00
N MET B 182 -9.59 -13.29 0.16
CA MET B 182 -9.28 -14.76 0.10
C MET B 182 -7.86 -14.96 -0.45
N LEU B 183 -7.49 -14.12 -1.42
CA LEU B 183 -6.22 -14.16 -2.17
C LEU B 183 -5.81 -12.77 -2.64
N GLU B 184 -4.58 -12.41 -2.28
CA GLU B 184 -3.84 -11.35 -2.95
C GLU B 184 -2.39 -11.79 -3.15
N ASN B 185 -1.92 -11.59 -4.37
CA ASN B 185 -0.57 -11.98 -4.83
C ASN B 185 0.08 -10.73 -5.41
N ILE B 186 1.36 -10.46 -5.14
CA ILE B 186 2.11 -9.31 -5.72
C ILE B 186 3.49 -9.77 -6.25
N SER B 187 3.94 -9.17 -7.36
CA SER B 187 5.12 -9.48 -8.20
C SER B 187 6.39 -9.75 -7.41
N GLN B 188 6.81 -8.75 -6.63
CA GLN B 188 7.86 -8.85 -5.57
C GLN B 188 7.23 -9.76 -4.53
N GLN B 189 7.73 -10.96 -4.26
CA GLN B 189 6.97 -12.00 -3.47
C GLN B 189 5.91 -12.75 -4.31
N PRO B 190 6.28 -13.39 -5.43
CA PRO B 190 5.28 -14.01 -6.30
C PRO B 190 4.70 -15.27 -5.66
N ASP B 191 5.47 -15.88 -4.75
CA ASP B 191 5.16 -17.21 -4.18
C ASP B 191 4.27 -17.04 -2.95
N VAL B 192 4.00 -15.80 -2.54
CA VAL B 192 3.27 -15.56 -1.27
C VAL B 192 1.83 -15.19 -1.58
N VAL B 193 0.95 -16.02 -1.05
CA VAL B 193 -0.51 -15.81 -0.83
C VAL B 193 -0.74 -15.00 0.46
N TYR B 194 -1.35 -13.81 0.30
CA TYR B 194 -1.80 -12.92 1.41
C TYR B 194 -3.31 -13.13 1.56
N SER B 195 -3.76 -13.47 2.78
CA SER B 195 -5.21 -13.62 3.12
C SER B 195 -5.51 -12.67 4.26
N THR B 196 -6.52 -11.82 4.15
CA THR B 196 -6.63 -10.58 4.98
C THR B 196 -8.10 -10.19 5.23
N PHE B 197 -8.38 -9.74 6.47
CA PHE B 197 -9.64 -9.11 6.94
C PHE B 197 -9.40 -7.64 7.25
N HIS B 198 -10.26 -6.77 6.72
CA HIS B 198 -10.30 -5.31 6.99
C HIS B 198 -11.56 -4.97 7.76
N LEU B 199 -11.46 -4.01 8.69
CA LEU B 199 -12.58 -3.52 9.56
C LEU B 199 -12.08 -2.39 10.45
N SER B 200 -12.98 -1.52 10.94
CA SER B 200 -12.58 -0.47 11.91
C SER B 200 -12.22 -1.13 13.21
N PRO B 201 -11.38 -0.48 14.04
CA PRO B 201 -11.05 -1.04 15.34
C PRO B 201 -12.27 -1.09 16.27
N ASP B 202 -12.74 0.06 16.71
CA ASP B 202 -14.14 0.24 17.17
C ASP B 202 -14.99 0.46 15.92
N GLY B 203 -16.31 0.58 16.03
CA GLY B 203 -17.12 0.90 14.84
C GLY B 203 -17.11 2.39 14.50
N VAL B 204 -16.35 3.21 15.22
CA VAL B 204 -16.36 4.71 15.05
C VAL B 204 -15.28 5.12 14.03
N SER B 205 -14.03 4.75 14.35
CA SER B 205 -12.81 5.06 13.57
C SER B 205 -12.95 4.32 12.24
N THR B 206 -12.61 5.03 11.15
CA THR B 206 -12.53 4.51 9.77
C THR B 206 -11.07 4.18 9.45
N ARG B 207 -10.19 4.04 10.43
CA ARG B 207 -8.85 3.49 10.10
C ARG B 207 -9.02 2.00 9.84
N ASP B 208 -8.24 1.46 8.91
CA ASP B 208 -8.23 0.03 8.56
C ASP B 208 -7.43 -0.72 9.62
N ALA B 209 -8.09 -1.52 10.42
CA ALA B 209 -7.43 -2.30 11.46
C ALA B 209 -7.36 -3.71 10.91
N SER B 210 -6.70 -3.86 9.76
CA SER B 210 -6.49 -5.17 9.08
C SER B 210 -5.93 -6.24 10.05
N ARG B 211 -6.36 -7.48 9.86
CA ARG B 211 -5.79 -8.73 10.45
C ARG B 211 -5.55 -9.70 9.30
N GLY B 212 -4.34 -10.22 9.18
CA GLY B 212 -3.86 -10.90 7.97
C GLY B 212 -2.89 -12.00 8.31
N GLY B 213 -2.77 -12.96 7.42
CA GLY B 213 -1.73 -14.00 7.43
C GLY B 213 -1.20 -14.22 6.03
N THR B 214 -0.12 -14.98 5.94
CA THR B 214 0.48 -15.40 4.66
C THR B 214 0.82 -16.90 4.71
N VAL B 215 0.66 -17.54 3.59
CA VAL B 215 1.27 -18.87 3.32
C VAL B 215 2.15 -18.74 2.09
N LYS B 216 3.30 -19.42 2.08
CA LYS B 216 4.24 -19.43 0.93
C LYS B 216 4.15 -20.76 0.19
N ILE B 217 3.97 -20.72 -1.13
CA ILE B 217 3.88 -21.90 -2.03
C ILE B 217 4.95 -21.78 -3.15
N GLU B 218 5.98 -22.65 -3.14
CA GLU B 218 7.04 -22.58 -4.19
C GLU B 218 6.34 -22.73 -5.55
N ASN B 219 6.63 -21.84 -6.51
CA ASN B 219 6.03 -21.72 -7.88
C ASN B 219 4.49 -21.80 -7.81
N LEU B 220 3.90 -20.81 -7.18
CA LEU B 220 2.42 -20.67 -7.08
C LEU B 220 1.83 -20.47 -8.49
N SER B 221 2.60 -19.81 -9.37
CA SER B 221 2.15 -19.47 -10.75
C SER B 221 1.88 -20.75 -11.54
N ASP B 222 2.54 -21.87 -11.16
CA ASP B 222 2.62 -23.11 -11.97
C ASP B 222 1.27 -23.82 -12.06
N ASP B 223 0.51 -23.90 -10.98
CA ASP B 223 -0.74 -24.70 -10.99
C ASP B 223 -1.93 -23.88 -10.54
N PHE B 224 -3.11 -24.49 -10.72
CA PHE B 224 -4.33 -24.12 -9.97
C PHE B 224 -4.08 -24.44 -8.49
N HIS B 225 -4.66 -23.59 -7.66
CA HIS B 225 -4.71 -23.71 -6.19
C HIS B 225 -6.15 -23.41 -5.82
N THR B 226 -6.69 -24.10 -4.81
CA THR B 226 -8.11 -23.91 -4.42
C THR B 226 -8.16 -23.11 -3.12
N TYR B 227 -8.82 -21.95 -3.22
CA TYR B 227 -8.95 -20.91 -2.18
C TYR B 227 -10.32 -21.10 -1.55
N VAL B 228 -10.36 -21.41 -0.26
CA VAL B 228 -11.65 -21.69 0.45
C VAL B 228 -11.86 -20.76 1.65
N MET B 229 -13.01 -20.14 1.71
CA MET B 229 -13.51 -19.44 2.92
C MET B 229 -14.56 -20.34 3.57
N GLU B 230 -14.50 -20.54 4.88
CA GLU B 230 -15.56 -21.19 5.71
C GLU B 230 -15.99 -20.15 6.74
N TRP B 231 -17.25 -19.75 6.67
CA TRP B 231 -17.84 -18.57 7.38
C TRP B 231 -19.07 -19.01 8.20
N ASP B 232 -19.22 -18.35 9.32
CA ASP B 232 -19.97 -18.82 10.51
C ASP B 232 -20.43 -17.59 11.30
N LYS B 233 -21.43 -17.70 12.14
CA LYS B 233 -21.72 -16.55 13.03
C LYS B 233 -20.53 -16.39 14.00
N ASP B 234 -19.66 -17.40 14.19
CA ASP B 234 -18.59 -17.33 15.22
C ASP B 234 -17.19 -17.14 14.65
N SER B 235 -16.95 -17.42 13.37
CA SER B 235 -15.58 -17.42 12.81
C SER B 235 -15.54 -17.51 11.28
N ILE B 236 -14.40 -17.10 10.75
CA ILE B 236 -14.03 -17.19 9.30
C ILE B 236 -12.63 -17.78 9.17
N LYS B 237 -12.48 -18.81 8.36
CA LYS B 237 -11.19 -19.39 7.95
C LYS B 237 -10.93 -19.09 6.48
N LEU B 238 -9.75 -18.55 6.15
CA LEU B 238 -9.26 -18.44 4.75
C LEU B 238 -8.14 -19.45 4.53
N MET B 239 -8.22 -20.24 3.46
CA MET B 239 -7.27 -21.37 3.22
C MET B 239 -6.86 -21.43 1.74
N VAL B 240 -5.62 -21.87 1.51
CA VAL B 240 -5.09 -22.33 0.20
C VAL B 240 -4.90 -23.82 0.32
N ASP B 241 -5.50 -24.59 -0.57
CA ASP B 241 -5.20 -26.05 -0.69
C ASP B 241 -5.32 -26.67 0.72
N ASP B 242 -6.35 -26.27 1.47
CA ASP B 242 -6.67 -26.73 2.85
C ASP B 242 -5.46 -26.51 3.78
N LYS B 243 -4.77 -25.39 3.64
CA LYS B 243 -3.81 -24.86 4.65
C LYS B 243 -4.36 -23.56 5.23
N LEU B 244 -4.28 -23.39 6.55
CA LEU B 244 -4.81 -22.15 7.17
C LEU B 244 -3.87 -20.95 6.86
N VAL B 245 -4.42 -19.92 6.21
CA VAL B 245 -3.66 -18.67 5.98
C VAL B 245 -3.90 -17.77 7.18
N LYS B 246 -5.19 -17.49 7.41
CA LYS B 246 -5.72 -16.61 8.47
C LYS B 246 -7.10 -17.07 8.93
N SER B 247 -7.28 -17.25 10.25
CA SER B 247 -8.61 -17.41 10.88
C SER B 247 -8.96 -16.12 11.64
N ILE B 248 -10.23 -15.93 11.95
CA ILE B 248 -10.69 -14.78 12.77
C ILE B 248 -11.91 -15.25 13.56
N ASP B 249 -11.99 -14.88 14.84
CA ASP B 249 -13.13 -15.22 15.73
C ASP B 249 -14.01 -13.97 15.86
N LEU B 250 -15.24 -14.04 15.37
CA LEU B 250 -16.13 -12.86 15.19
C LEU B 250 -16.62 -12.34 16.56
N ASN B 251 -16.46 -13.13 17.63
CA ASN B 251 -16.68 -12.72 19.04
C ASN B 251 -15.63 -11.65 19.39
N THR B 252 -14.91 -11.13 18.39
CA THR B 252 -13.85 -10.08 18.48
C THR B 252 -14.19 -8.85 17.64
N THR B 253 -14.86 -9.07 16.52
CA THR B 253 -15.28 -8.03 15.54
C THR B 253 -16.62 -7.36 15.91
N ASN B 254 -17.08 -7.50 17.16
CA ASN B 254 -18.24 -6.74 17.69
C ASN B 254 -17.83 -5.28 17.83
N TYR B 255 -18.57 -4.33 17.24
CA TYR B 255 -18.21 -2.89 17.28
C TYR B 255 -18.70 -2.30 18.60
N ALA B 256 -18.06 -1.25 19.12
CA ALA B 256 -18.41 -0.68 20.45
C ALA B 256 -19.85 -0.17 20.41
N ASN B 257 -20.51 -0.32 21.57
CA ASN B 257 -21.93 0.04 21.87
C ASN B 257 -22.82 -1.06 21.28
N GLY B 258 -23.92 -0.72 20.59
CA GLY B 258 -24.64 -1.69 19.74
C GLY B 258 -23.85 -1.83 18.47
N ALA B 259 -24.22 -1.03 17.46
CA ALA B 259 -23.57 -0.97 16.13
C ALA B 259 -23.39 -2.42 15.62
N GLY B 260 -22.44 -3.19 16.22
CA GLY B 260 -22.28 -4.67 16.22
C GLY B 260 -21.89 -5.29 14.88
N ASN B 261 -20.65 -5.70 14.73
CA ASN B 261 -20.17 -6.86 13.92
C ASN B 261 -20.43 -6.88 12.41
N PRO B 262 -19.48 -6.38 11.59
CA PRO B 262 -19.70 -6.30 10.15
C PRO B 262 -19.65 -7.67 9.45
N PHE B 263 -19.08 -8.69 10.10
CA PHE B 263 -18.92 -10.02 9.44
C PHE B 263 -20.15 -10.87 9.71
N ARG B 264 -21.25 -10.25 10.15
CA ARG B 264 -22.57 -10.92 10.29
C ARG B 264 -23.54 -10.20 9.35
N THR B 265 -23.03 -9.73 8.23
CA THR B 265 -23.81 -9.04 7.17
C THR B 265 -23.46 -9.76 5.88
N PRO B 266 -24.27 -9.62 4.80
CA PRO B 266 -23.96 -10.22 3.51
C PRO B 266 -22.74 -9.55 2.86
N PHE B 267 -21.95 -10.34 2.12
CA PHE B 267 -20.77 -9.93 1.31
C PHE B 267 -20.98 -10.31 -0.16
N TYR B 268 -20.37 -9.55 -1.07
CA TYR B 268 -20.32 -9.87 -2.51
C TYR B 268 -18.86 -10.10 -2.88
N LEU B 269 -18.64 -10.75 -4.02
CA LEU B 269 -17.36 -11.37 -4.42
C LEU B 269 -16.78 -10.56 -5.55
N ILE B 270 -15.46 -10.44 -5.57
CA ILE B 270 -14.74 -9.79 -6.70
C ILE B 270 -13.54 -10.65 -7.10
N LEU B 271 -13.45 -10.89 -8.41
CA LEU B 271 -12.27 -11.53 -9.05
C LEU B 271 -11.70 -10.49 -10.02
N ASN B 272 -10.38 -10.29 -10.01
CA ASN B 272 -9.76 -9.14 -10.71
C ASN B 272 -8.26 -9.40 -10.90
N SER B 273 -7.65 -8.61 -11.78
CA SER B 273 -6.23 -8.67 -12.18
C SER B 273 -5.89 -7.20 -12.35
N ALA B 274 -5.61 -6.51 -11.26
CA ALA B 274 -5.07 -5.13 -11.23
C ALA B 274 -3.60 -5.12 -11.64
N VAL B 275 -3.09 -3.94 -11.99
CA VAL B 275 -1.68 -3.72 -12.43
C VAL B 275 -1.09 -2.66 -11.51
N GLY B 276 0.04 -2.97 -10.91
CA GLY B 276 0.74 -2.06 -9.97
C GLY B 276 -0.12 -1.70 -8.77
N GLY B 277 0.30 -0.68 -8.01
CA GLY B 277 -0.35 -0.23 -6.77
C GLY B 277 0.58 0.68 -6.01
N THR B 278 0.25 1.09 -4.78
CA THR B 278 1.12 2.05 -4.08
C THR B 278 2.31 1.30 -3.52
N TRP B 279 2.05 0.02 -3.22
CA TRP B 279 3.10 -0.88 -2.72
C TRP B 279 3.49 -1.88 -3.82
N CYS B 280 2.53 -2.63 -4.33
CA CYS B 280 2.79 -3.52 -5.51
C CYS B 280 3.76 -2.80 -6.51
N GLU B 281 4.83 -3.48 -6.93
CA GLU B 281 5.72 -3.10 -8.05
C GLU B 281 4.93 -2.60 -9.27
N LYS B 282 5.41 -1.59 -9.94
CA LYS B 282 4.77 -1.14 -11.18
C LYS B 282 5.08 -2.15 -12.27
N ALA B 283 4.20 -2.29 -13.27
CA ALA B 283 4.46 -2.99 -14.55
C ALA B 283 5.41 -2.11 -15.37
N PRO B 284 6.16 -2.74 -16.31
CA PRO B 284 7.24 -2.07 -17.04
C PRO B 284 7.06 -0.77 -17.85
N LYS B 285 5.92 -0.40 -18.40
CA LYS B 285 5.87 0.99 -19.00
C LYS B 285 6.31 0.97 -20.47
N ASP B 286 6.93 -0.14 -20.91
CA ASP B 286 7.14 -0.60 -22.31
C ASP B 286 6.30 -1.87 -22.56
N GLY B 287 5.60 -2.35 -21.54
CA GLY B 287 4.64 -3.47 -21.62
C GLY B 287 5.28 -4.85 -21.56
N GLN B 288 6.59 -4.95 -21.39
CA GLN B 288 7.30 -6.27 -21.41
C GLN B 288 6.63 -7.22 -20.40
N GLY B 289 6.43 -8.49 -20.83
CA GLY B 289 5.99 -9.59 -19.96
C GLY B 289 4.48 -9.81 -20.00
N TYR B 290 3.76 -8.93 -20.71
CA TYR B 290 2.30 -8.95 -20.94
C TYR B 290 2.08 -9.19 -22.42
N PRO B 291 0.94 -9.70 -22.89
CA PRO B 291 -0.23 -10.01 -22.07
C PRO B 291 -0.03 -11.15 -21.08
N VAL B 292 -0.98 -11.29 -20.18
CA VAL B 292 -0.96 -12.20 -19.01
C VAL B 292 -2.42 -12.48 -18.66
N LYS B 293 -2.66 -13.67 -18.09
CA LYS B 293 -4.01 -14.23 -17.85
C LYS B 293 -4.13 -14.65 -16.39
N PHE B 294 -5.29 -14.39 -15.82
CA PHE B 294 -5.69 -14.86 -14.47
C PHE B 294 -6.89 -15.76 -14.73
N LEU B 295 -6.66 -17.06 -14.58
CA LEU B 295 -7.61 -18.14 -14.90
C LEU B 295 -8.35 -18.61 -13.67
N ILE B 296 -9.68 -18.50 -13.69
CA ILE B 296 -10.53 -19.07 -12.61
C ILE B 296 -11.33 -20.25 -13.18
N ASP B 297 -10.99 -21.46 -12.72
CA ASP B 297 -11.63 -22.71 -13.20
C ASP B 297 -13.08 -22.67 -12.75
N TYR B 298 -13.34 -22.40 -11.48
CA TYR B 298 -14.70 -22.52 -10.89
C TYR B 298 -14.85 -21.66 -9.64
N VAL B 299 -16.10 -21.33 -9.35
CA VAL B 299 -16.58 -20.72 -8.07
C VAL B 299 -17.70 -21.60 -7.56
N ARG B 300 -17.59 -22.09 -6.33
CA ARG B 300 -18.65 -22.94 -5.77
C ARG B 300 -19.01 -22.47 -4.37
N PHE B 301 -20.26 -22.08 -4.16
CA PHE B 301 -20.81 -21.67 -2.84
C PHE B 301 -21.71 -22.77 -2.29
N TYR B 302 -21.31 -23.29 -1.13
CA TYR B 302 -22.05 -24.29 -0.34
C TYR B 302 -22.51 -23.67 0.97
N GLN B 303 -23.53 -24.26 1.60
CA GLN B 303 -24.07 -23.93 2.95
C GLN B 303 -24.52 -25.25 3.58
N THR B 304 -24.26 -25.52 4.85
CA THR B 304 -25.08 -26.50 5.64
C THR B 304 -26.40 -25.84 6.06
N LYS B 305 -27.46 -26.61 6.32
CA LYS B 305 -28.79 -26.10 6.75
C LYS B 305 -28.58 -25.06 7.88
N GLU B 306 -27.82 -25.45 8.92
CA GLU B 306 -27.25 -24.56 9.97
C GLU B 306 -26.83 -23.18 9.42
N HIS B 307 -26.05 -23.14 8.35
CA HIS B 307 -25.46 -21.88 7.82
C HIS B 307 -26.60 -20.99 7.31
N ALA B 308 -27.58 -21.58 6.61
CA ALA B 308 -28.73 -20.86 5.98
C ALA B 308 -29.63 -20.31 7.08
N GLN B 309 -29.87 -21.13 8.11
CA GLN B 309 -30.61 -20.80 9.36
C GLN B 309 -29.95 -19.62 10.07
N GLN B 310 -28.67 -19.78 10.38
CA GLN B 310 -27.83 -18.83 11.13
C GLN B 310 -28.03 -17.43 10.53
N ALA B 311 -27.97 -17.35 9.19
CA ALA B 311 -28.07 -16.12 8.40
C ALA B 311 -29.36 -15.39 8.75
N LYS B 312 -30.48 -16.08 8.63
CA LYS B 312 -31.84 -15.51 8.85
C LYS B 312 -31.95 -14.83 10.22
N GLN B 313 -31.16 -15.21 11.23
CA GLN B 313 -31.29 -14.71 12.63
C GLN B 313 -30.29 -13.58 12.95
N PHE B 314 -29.85 -12.81 11.93
CA PHE B 314 -29.11 -11.53 12.11
C PHE B 314 -29.65 -10.45 11.15
N ASP B 315 -29.62 -9.19 11.61
CA ASP B 315 -29.96 -7.99 10.82
C ASP B 315 -28.86 -7.73 9.78
N PRO B 316 -29.11 -7.90 8.45
CA PRO B 316 -28.09 -7.78 7.42
C PRO B 316 -27.53 -6.36 7.22
N GLU B 317 -28.29 -5.33 7.60
CA GLU B 317 -27.84 -3.92 7.52
C GLU B 317 -26.76 -3.69 8.61
N THR B 318 -26.74 -4.49 9.71
CA THR B 318 -25.91 -4.21 10.91
C THR B 318 -25.08 -5.40 11.38
N GLY B 319 -25.63 -6.60 11.51
CA GLY B 319 -24.91 -7.75 12.11
C GLY B 319 -25.25 -8.04 13.59
N LEU B 320 -26.23 -7.31 14.15
CA LEU B 320 -26.94 -7.63 15.42
C LEU B 320 -28.04 -8.66 15.19
N PRO B 321 -28.48 -9.42 16.25
CA PRO B 321 -29.77 -10.11 16.24
C PRO B 321 -31.05 -9.35 15.85
CA CA C . 26.66 10.74 14.92
CA CA D . -14.59 -25.20 -14.60
#